data_1M52
#
_entry.id   1M52
#
_cell.length_a   115.848
_cell.length_b   125.708
_cell.length_c   56.718
_cell.angle_alpha   90.00
_cell.angle_beta   90.00
_cell.angle_gamma   90.00
#
_symmetry.space_group_name_H-M   'P 21 21 2'
#
loop_
_entity.id
_entity.type
_entity.pdbx_description
1 polymer 'PROTO-ONCOGENE TYROSINE-PROTEIN KINASE ABL1'
2 non-polymer 6-(2,6-DICHLORO-PHENYL)-8-METHYL-2-(3-METHYLSULFANYL-PHENYLAMINO)-8H-PYRIDO[2,3-D]PYRIMIDIN-7-ONE
3 non-polymer '2-(N-MORPHOLINO)-ETHANESULFONIC ACID'
4 water water
#
_entity_poly.entity_id   1
_entity_poly.type   'polypeptide(L)'
_entity_poly.pdbx_seq_one_letter_code
;GAMDPSSPNYDKWEMERTDITMKHKLGGGQYGEVYEGVWKKYSLTVAVKTLKEDTMEVEEFLKEAAVMKEIKHPNLVQLL
GVCTREPPFYIITEFMTYGNLLDYLRECNRQEVSAVVLLYMATQISSAMEYLEKKNFIHRDLAARNCLVGENHLVKVADF
GLSRLMTGDTYTAHAGAKFPIKWTAPESLAYNKFSIKSDVWAFGVLLWEIATYGMSPYPGIDLSQVYELLEKDYRMERPE
GCPEKVYELMRACWQWNPSDRPSFAEIHQAFETMFQESSISDEVEKELGKRGT
;
_entity_poly.pdbx_strand_id   A,B
#
loop_
_chem_comp.id
_chem_comp.type
_chem_comp.name
_chem_comp.formula
MES non-polymer '2-(N-MORPHOLINO)-ETHANESULFONIC ACID' 'C6 H13 N O4 S'
P17 non-polymer 6-(2,6-DICHLORO-PHENYL)-8-METHYL-2-(3-METHYLSULFANYL-PHENYLAMINO)-8H-PYRIDO[2,3-D]PYRIMIDIN-7-ONE 'C21 H16 Cl2 N4 O S'
#
# COMPACT_ATOMS: atom_id res chain seq x y z
N TYR A 10 23.27 25.61 25.95
CA TYR A 10 22.51 26.86 25.65
C TYR A 10 21.32 26.63 24.71
N ASP A 11 20.18 27.21 25.06
CA ASP A 11 18.97 27.10 24.26
C ASP A 11 18.33 28.48 24.13
N LYS A 12 18.39 29.06 22.94
CA LYS A 12 17.82 30.38 22.69
C LYS A 12 16.34 30.46 23.08
N TRP A 13 15.67 29.31 23.10
CA TRP A 13 14.26 29.26 23.44
C TRP A 13 13.95 29.31 24.93
N GLU A 14 14.84 28.74 25.75
CA GLU A 14 14.65 28.74 27.19
C GLU A 14 14.40 30.15 27.68
N MET A 15 13.41 30.31 28.55
CA MET A 15 13.08 31.63 29.08
C MET A 15 12.70 31.62 30.54
N GLU A 16 12.30 32.80 31.04
CA GLU A 16 11.94 32.94 32.43
C GLU A 16 10.46 32.71 32.69
N ARG A 17 10.16 31.79 33.61
CA ARG A 17 8.79 31.46 33.97
C ARG A 17 8.11 32.66 34.61
N THR A 18 8.92 33.65 34.99
CA THR A 18 8.42 34.87 35.63
C THR A 18 7.81 35.82 34.59
N ASP A 19 8.35 35.79 33.38
CA ASP A 19 7.88 36.63 32.29
C ASP A 19 6.41 36.41 31.97
N ILE A 20 5.94 35.18 32.23
CA ILE A 20 4.56 34.82 31.93
C ILE A 20 3.59 34.92 33.09
N THR A 21 2.36 35.29 32.76
CA THR A 21 1.28 35.42 33.75
C THR A 21 0.13 34.52 33.29
N MET A 22 -0.09 33.43 34.01
CA MET A 22 -1.15 32.50 33.68
C MET A 22 -2.49 33.15 33.97
N LYS A 23 -3.53 32.74 33.24
CA LYS A 23 -4.86 33.27 33.48
C LYS A 23 -5.83 32.15 33.71
N HIS A 24 -6.33 31.59 32.62
CA HIS A 24 -7.29 30.50 32.75
C HIS A 24 -7.05 29.38 31.72
N LYS A 25 -7.79 28.29 31.86
CA LYS A 25 -7.66 27.10 31.02
C LYS A 25 -8.36 27.27 29.67
N LEU A 26 -7.80 26.68 28.62
CA LEU A 26 -8.39 26.78 27.28
C LEU A 26 -9.05 25.49 26.79
N GLY A 27 -10.05 25.67 25.94
CA GLY A 27 -10.76 24.52 25.39
C GLY A 27 -11.37 23.56 26.38
N GLY A 28 -11.74 24.06 27.56
CA GLY A 28 -12.33 23.21 28.57
C GLY A 28 -11.53 21.95 28.87
N GLY A 29 -10.21 22.02 28.69
CA GLY A 29 -9.37 20.88 28.98
C GLY A 29 -9.17 19.87 27.87
N GLN A 30 -9.97 19.92 26.82
CA GLN A 30 -9.85 18.97 25.71
C GLN A 30 -8.47 18.92 25.07
N TYR A 31 -7.60 19.87 25.42
CA TYR A 31 -6.24 19.89 24.86
C TYR A 31 -5.21 19.66 25.96
N GLY A 32 -5.68 19.43 27.19
CA GLY A 32 -4.77 19.21 28.28
C GLY A 32 -4.54 20.46 29.11
N GLU A 33 -3.35 20.58 29.68
CA GLU A 33 -3.03 21.74 30.51
C GLU A 33 -2.57 22.93 29.67
N VAL A 34 -3.55 23.59 29.05
CA VAL A 34 -3.26 24.76 28.23
C VAL A 34 -4.02 25.94 28.81
N TYR A 35 -3.35 27.08 28.94
CA TYR A 35 -3.97 28.27 29.50
C TYR A 35 -3.63 29.48 28.66
N GLU A 36 -4.42 30.53 28.85
CA GLU A 36 -4.19 31.78 28.16
C GLU A 36 -3.28 32.55 29.13
N GLY A 37 -2.27 33.22 28.60
CA GLY A 37 -1.38 33.93 29.49
C GLY A 37 -0.95 35.25 28.91
N VAL A 38 -0.09 35.94 29.66
CA VAL A 38 0.43 37.23 29.21
C VAL A 38 1.94 37.25 29.38
N TRP A 39 2.62 37.72 28.36
CA TRP A 39 4.07 37.80 28.43
C TRP A 39 4.39 39.24 28.82
N LYS A 40 4.34 39.51 30.12
CA LYS A 40 4.61 40.83 30.69
C LYS A 40 5.46 41.72 29.79
N LYS A 41 6.70 41.32 29.57
CA LYS A 41 7.63 42.08 28.73
C LYS A 41 6.98 42.75 27.53
N TYR A 42 6.34 41.96 26.67
CA TYR A 42 5.72 42.50 25.47
C TYR A 42 4.20 42.69 25.55
N SER A 43 3.62 42.58 26.75
CA SER A 43 2.18 42.73 26.94
C SER A 43 1.44 41.91 25.88
N LEU A 44 2.07 40.83 25.44
CA LEU A 44 1.55 39.92 24.42
C LEU A 44 0.72 38.79 25.05
N THR A 45 -0.45 38.52 24.48
CA THR A 45 -1.29 37.43 24.99
C THR A 45 -0.80 36.14 24.34
N VAL A 46 -0.56 35.11 25.14
CA VAL A 46 -0.05 33.86 24.61
C VAL A 46 -0.78 32.61 25.10
N ALA A 47 -0.38 31.47 24.57
CA ALA A 47 -0.96 30.19 24.94
C ALA A 47 0.14 29.44 25.71
N VAL A 48 -0.22 28.84 26.84
CA VAL A 48 0.76 28.13 27.62
C VAL A 48 0.38 26.70 27.96
N LYS A 49 1.16 25.76 27.43
CA LYS A 49 0.94 24.35 27.72
C LYS A 49 1.75 24.04 28.98
N THR A 50 1.14 23.37 29.93
CA THR A 50 1.84 23.08 31.15
C THR A 50 1.80 21.59 31.45
N LEU A 51 2.86 21.13 32.11
CA LEU A 51 2.90 19.74 32.52
C LEU A 51 2.63 19.79 34.03
N LYS A 52 1.87 18.83 34.51
CA LYS A 52 1.50 18.73 35.92
C LYS A 52 2.61 18.20 36.84
N GLU A 53 2.31 17.99 38.12
CA GLU A 53 3.36 17.50 39.02
C GLU A 53 3.73 16.03 38.86
N ASP A 54 2.71 15.16 38.92
CA ASP A 54 2.91 13.73 38.79
C ASP A 54 2.54 13.26 37.40
N THR A 55 3.54 12.90 36.61
CA THR A 55 3.32 12.42 35.24
C THR A 55 4.56 11.77 34.66
N MET A 56 4.34 10.83 33.76
CA MET A 56 5.43 10.15 33.07
C MET A 56 5.39 10.81 31.68
N GLU A 57 5.00 12.08 31.67
CA GLU A 57 4.86 12.85 30.44
C GLU A 57 6.08 13.68 30.10
N VAL A 58 6.89 13.99 31.11
CA VAL A 58 8.08 14.81 30.90
C VAL A 58 8.87 14.43 29.65
N GLU A 59 8.95 13.13 29.36
CA GLU A 59 9.70 12.69 28.18
C GLU A 59 9.01 13.18 26.92
N GLU A 60 7.72 12.88 26.81
CA GLU A 60 6.97 13.27 25.64
C GLU A 60 6.84 14.80 25.55
N PHE A 61 6.53 15.43 26.68
CA PHE A 61 6.37 16.89 26.76
C PHE A 61 7.60 17.56 26.18
N LEU A 62 8.76 17.07 26.60
CA LEU A 62 10.02 17.62 26.13
C LEU A 62 10.22 17.43 24.62
N LYS A 63 9.84 16.28 24.08
CA LYS A 63 9.98 16.04 22.65
C LYS A 63 9.07 16.97 21.86
N GLU A 64 7.86 17.18 22.34
CA GLU A 64 6.92 18.06 21.65
C GLU A 64 7.58 19.42 21.49
N ALA A 65 8.09 19.95 22.60
CA ALA A 65 8.75 21.24 22.61
C ALA A 65 9.88 21.24 21.60
N ALA A 66 10.72 20.21 21.67
CA ALA A 66 11.85 20.09 20.77
C ALA A 66 11.45 20.14 19.31
N VAL A 67 10.43 19.37 18.95
CA VAL A 67 9.92 19.33 17.58
C VAL A 67 9.49 20.73 17.17
N MET A 68 8.78 21.40 18.09
CA MET A 68 8.28 22.73 17.83
C MET A 68 9.32 23.80 17.56
N LYS A 69 10.56 23.55 17.95
CA LYS A 69 11.63 24.51 17.72
C LYS A 69 12.17 24.36 16.30
N GLU A 70 11.76 23.29 15.63
CA GLU A 70 12.21 23.01 14.27
C GLU A 70 11.21 23.39 13.19
N ILE A 71 9.93 23.43 13.54
CA ILE A 71 8.91 23.76 12.56
C ILE A 71 8.54 25.23 12.57
N LYS A 72 8.46 25.81 11.38
CA LYS A 72 8.11 27.20 11.23
C LYS A 72 7.40 27.35 9.89
N HIS A 73 6.09 27.55 9.96
CA HIS A 73 5.27 27.71 8.78
C HIS A 73 4.13 28.66 9.14
N PRO A 74 3.75 29.55 8.21
CA PRO A 74 2.66 30.50 8.47
C PRO A 74 1.33 29.89 8.87
N ASN A 75 1.18 28.58 8.63
CA ASN A 75 -0.05 27.89 8.97
C ASN A 75 0.09 26.78 9.99
N LEU A 76 1.12 26.89 10.82
CA LEU A 76 1.36 25.94 11.91
C LEU A 76 1.56 26.85 13.10
N VAL A 77 0.95 26.52 14.24
CA VAL A 77 1.08 27.36 15.42
C VAL A 77 2.55 27.59 15.78
N GLN A 78 2.91 28.84 16.02
CA GLN A 78 4.29 29.19 16.32
C GLN A 78 4.71 29.13 17.78
N LEU A 79 5.85 28.50 18.02
CA LEU A 79 6.42 28.40 19.35
C LEU A 79 7.05 29.74 19.68
N LEU A 80 6.85 30.21 20.90
CA LEU A 80 7.42 31.48 21.31
C LEU A 80 8.55 31.25 22.31
N GLY A 81 8.41 30.21 23.11
CA GLY A 81 9.44 29.89 24.08
C GLY A 81 9.08 28.75 25.01
N VAL A 82 10.07 28.31 25.78
CA VAL A 82 9.85 27.20 26.70
C VAL A 82 10.53 27.42 28.04
N CYS A 83 10.00 26.70 29.04
CA CYS A 83 10.51 26.70 30.40
C CYS A 83 10.61 25.21 30.72
N THR A 84 11.73 24.62 30.31
CA THR A 84 11.90 23.19 30.52
C THR A 84 13.10 22.76 31.36
N ARG A 85 13.55 23.64 32.24
CA ARG A 85 14.68 23.32 33.12
C ARG A 85 14.19 22.75 34.44
N GLU A 86 13.20 23.42 35.03
CA GLU A 86 12.63 22.97 36.30
C GLU A 86 11.11 23.04 36.20
N PRO A 87 10.42 22.21 36.98
CA PRO A 87 8.96 22.20 36.97
C PRO A 87 8.43 23.48 37.62
N PRO A 88 7.23 23.94 37.20
CA PRO A 88 6.39 23.33 36.18
C PRO A 88 6.95 23.63 34.81
N PHE A 89 6.80 22.70 33.89
CA PHE A 89 7.32 22.93 32.56
C PHE A 89 6.36 23.76 31.70
N TYR A 90 6.94 24.58 30.83
CA TYR A 90 6.17 25.45 29.95
C TYR A 90 6.51 25.35 28.47
N ILE A 91 5.48 25.45 27.63
CA ILE A 91 5.67 25.50 26.19
C ILE A 91 4.80 26.71 25.88
N ILE A 92 5.42 27.76 25.37
CA ILE A 92 4.70 28.98 25.08
C ILE A 92 4.56 29.21 23.58
N THR A 93 3.31 29.41 23.15
CA THR A 93 3.02 29.61 21.74
C THR A 93 2.15 30.84 21.51
N GLU A 94 2.04 31.26 20.25
CA GLU A 94 1.21 32.41 19.90
C GLU A 94 -0.21 32.04 20.29
N PHE A 95 -1.03 33.05 20.49
CA PHE A 95 -2.42 32.81 20.88
C PHE A 95 -3.37 32.95 19.70
N MET A 96 -4.19 31.93 19.49
CA MET A 96 -5.18 31.94 18.42
C MET A 96 -6.48 32.43 19.04
N THR A 97 -6.86 33.64 18.69
CA THR A 97 -8.03 34.29 19.26
C THR A 97 -9.40 33.66 19.02
N TYR A 98 -9.60 32.90 17.96
CA TYR A 98 -10.93 32.34 17.71
C TYR A 98 -11.14 30.85 17.98
N GLY A 99 -10.25 30.24 18.76
CA GLY A 99 -10.41 28.83 19.08
C GLY A 99 -10.19 27.86 17.95
N ASN A 100 -10.77 26.66 18.08
CA ASN A 100 -10.61 25.64 17.04
C ASN A 100 -11.58 25.81 15.87
N LEU A 101 -11.15 25.33 14.71
CA LEU A 101 -11.93 25.43 13.48
C LEU A 101 -13.30 24.77 13.53
N LEU A 102 -13.47 23.76 14.36
CA LEU A 102 -14.76 23.09 14.45
C LEU A 102 -15.81 24.01 15.06
N ASP A 103 -15.50 24.60 16.22
CA ASP A 103 -16.46 25.49 16.85
C ASP A 103 -16.72 26.69 15.95
N TYR A 104 -15.65 27.21 15.36
CA TYR A 104 -15.73 28.36 14.48
C TYR A 104 -16.75 28.17 13.35
N LEU A 105 -16.68 27.02 12.70
CA LEU A 105 -17.60 26.72 11.61
C LEU A 105 -19.05 26.56 12.09
N ARG A 106 -19.20 26.00 13.29
CA ARG A 106 -20.52 25.77 13.86
C ARG A 106 -21.25 26.99 14.32
N GLU A 107 -20.52 28.04 14.63
CA GLU A 107 -21.12 29.28 15.10
C GLU A 107 -21.06 30.44 14.12
N CYS A 108 -20.09 30.40 13.22
CA CYS A 108 -19.88 31.44 12.23
C CYS A 108 -21.13 31.89 11.48
N ASN A 109 -21.06 33.08 10.91
CA ASN A 109 -22.12 33.65 10.08
C ASN A 109 -21.76 33.09 8.71
N ARG A 110 -22.65 32.34 8.10
CA ARG A 110 -22.31 31.74 6.83
C ARG A 110 -22.33 32.68 5.63
N GLN A 111 -22.76 33.92 5.84
CA GLN A 111 -22.76 34.87 4.75
C GLN A 111 -21.35 35.48 4.74
N GLU A 112 -20.70 35.47 5.89
CA GLU A 112 -19.34 35.98 6.04
C GLU A 112 -18.34 34.85 5.75
N VAL A 113 -18.50 33.73 6.44
CA VAL A 113 -17.65 32.57 6.23
C VAL A 113 -18.31 31.81 5.08
N SER A 114 -18.05 32.28 3.87
CA SER A 114 -18.66 31.68 2.67
C SER A 114 -17.81 30.61 1.98
N ALA A 115 -18.30 30.20 0.81
CA ALA A 115 -17.65 29.19 0.00
C ALA A 115 -16.21 29.54 -0.31
N VAL A 116 -15.95 30.78 -0.67
CA VAL A 116 -14.60 31.19 -0.98
C VAL A 116 -13.74 31.10 0.28
N VAL A 117 -14.35 31.40 1.42
CA VAL A 117 -13.65 31.36 2.70
C VAL A 117 -13.35 29.92 3.08
N LEU A 118 -14.30 29.01 2.86
CA LEU A 118 -14.08 27.60 3.16
C LEU A 118 -12.89 27.12 2.34
N LEU A 119 -12.90 27.51 1.07
CA LEU A 119 -11.86 27.17 0.11
C LEU A 119 -10.51 27.71 0.61
N TYR A 120 -10.53 28.94 1.08
CA TYR A 120 -9.34 29.60 1.60
C TYR A 120 -8.78 28.86 2.81
N MET A 121 -9.65 28.42 3.71
CA MET A 121 -9.23 27.68 4.90
C MET A 121 -8.64 26.30 4.57
N ALA A 122 -9.22 25.63 3.57
CA ALA A 122 -8.73 24.32 3.16
C ALA A 122 -7.35 24.47 2.51
N THR A 123 -7.12 25.61 1.87
CA THR A 123 -5.84 25.86 1.23
C THR A 123 -4.75 26.03 2.29
N GLN A 124 -5.05 26.79 3.32
CA GLN A 124 -4.09 27.02 4.38
C GLN A 124 -3.69 25.70 5.03
N ILE A 125 -4.69 24.89 5.38
CA ILE A 125 -4.42 23.61 6.01
C ILE A 125 -3.62 22.70 5.08
N SER A 126 -3.94 22.68 3.79
CA SER A 126 -3.19 21.85 2.86
C SER A 126 -1.77 22.38 2.76
N SER A 127 -1.62 23.69 2.94
CA SER A 127 -0.31 24.34 2.87
C SER A 127 0.57 23.84 4.02
N ALA A 128 0.01 23.81 5.22
CA ALA A 128 0.77 23.32 6.37
C ALA A 128 1.12 21.82 6.20
N MET A 129 0.16 21.05 5.73
CA MET A 129 0.40 19.64 5.54
C MET A 129 1.49 19.38 4.51
N GLU A 130 1.58 20.25 3.49
CA GLU A 130 2.61 20.08 2.47
C GLU A 130 3.98 20.34 3.08
N TYR A 131 4.02 21.25 4.04
CA TYR A 131 5.26 21.59 4.74
C TYR A 131 5.69 20.38 5.57
N LEU A 132 4.76 19.84 6.34
CA LEU A 132 5.00 18.67 7.18
C LEU A 132 5.44 17.49 6.32
N GLU A 133 4.78 17.31 5.18
CA GLU A 133 5.11 16.24 4.26
C GLU A 133 6.57 16.34 3.81
N LYS A 134 7.01 17.54 3.42
CA LYS A 134 8.40 17.73 2.97
C LYS A 134 9.40 17.59 4.11
N LYS A 135 8.96 17.94 5.32
CA LYS A 135 9.80 17.90 6.52
C LYS A 135 9.92 16.50 7.13
N ASN A 136 9.20 15.55 6.55
CA ASN A 136 9.21 14.17 7.02
C ASN A 136 8.52 13.98 8.34
N PHE A 137 7.40 14.65 8.53
CA PHE A 137 6.64 14.51 9.76
C PHE A 137 5.29 13.90 9.39
N ILE A 138 4.58 13.39 10.41
CA ILE A 138 3.25 12.87 10.21
C ILE A 138 2.49 13.47 11.39
N HIS A 139 1.20 13.73 11.20
CA HIS A 139 0.39 14.29 12.26
C HIS A 139 -0.48 13.15 12.82
N ARG A 140 -0.48 12.95 14.12
CA ARG A 140 -1.27 11.85 14.65
C ARG A 140 -2.76 12.14 14.88
N ASP A 141 -3.16 13.40 14.78
CA ASP A 141 -4.57 13.73 15.01
C ASP A 141 -5.03 14.94 14.19
N LEU A 142 -5.07 14.78 12.89
CA LEU A 142 -5.52 15.85 12.01
C LEU A 142 -7.05 15.86 11.95
N ALA A 143 -7.64 16.93 12.48
CA ALA A 143 -9.10 17.09 12.49
C ALA A 143 -9.42 18.57 12.71
N ALA A 144 -10.63 18.99 12.35
CA ALA A 144 -11.03 20.38 12.53
C ALA A 144 -10.82 20.86 13.97
N ARG A 145 -11.10 19.99 14.93
CA ARG A 145 -10.94 20.32 16.34
C ARG A 145 -9.49 20.63 16.71
N ASN A 146 -8.55 20.28 15.84
CA ASN A 146 -7.15 20.56 16.13
C ASN A 146 -6.57 21.60 15.19
N CYS A 147 -7.45 22.40 14.60
CA CYS A 147 -7.03 23.49 13.75
C CYS A 147 -7.48 24.75 14.50
N LEU A 148 -6.56 25.70 14.68
CA LEU A 148 -6.91 26.92 15.39
C LEU A 148 -7.18 28.08 14.43
N VAL A 149 -8.12 28.95 14.80
CA VAL A 149 -8.49 30.09 13.96
C VAL A 149 -8.15 31.44 14.58
N GLY A 150 -7.68 32.35 13.73
CA GLY A 150 -7.33 33.70 14.17
C GLY A 150 -8.10 34.69 13.32
N GLU A 151 -7.83 35.99 13.49
CA GLU A 151 -8.54 37.00 12.69
C GLU A 151 -8.38 36.76 11.20
N ASN A 152 -9.39 37.15 10.44
CA ASN A 152 -9.36 37.03 8.99
C ASN A 152 -9.35 35.59 8.47
N HIS A 153 -10.02 34.68 9.16
CA HIS A 153 -10.10 33.29 8.74
C HIS A 153 -8.73 32.65 8.60
N LEU A 154 -7.79 33.13 9.39
CA LEU A 154 -6.42 32.61 9.38
C LEU A 154 -6.47 31.27 10.13
N VAL A 155 -6.00 30.21 9.49
CA VAL A 155 -6.03 28.90 10.15
C VAL A 155 -4.67 28.25 10.31
N LYS A 156 -4.40 27.75 11.51
CA LYS A 156 -3.13 27.08 11.78
C LYS A 156 -3.36 25.71 12.39
N VAL A 157 -2.58 24.74 11.92
CA VAL A 157 -2.66 23.38 12.40
C VAL A 157 -1.85 23.23 13.70
N ALA A 158 -2.44 22.53 14.68
CA ALA A 158 -1.78 22.32 15.97
C ALA A 158 -0.48 21.55 15.77
N ASP A 159 0.57 21.96 16.50
CA ASP A 159 1.87 21.30 16.37
C ASP A 159 1.98 20.16 17.34
N PHE A 160 1.08 20.07 18.31
CA PHE A 160 1.15 18.95 19.21
C PHE A 160 0.70 17.74 18.38
N GLY A 161 1.21 16.56 18.70
CA GLY A 161 0.83 15.38 17.96
C GLY A 161 1.63 15.12 16.69
N LEU A 162 2.84 15.65 16.64
CA LEU A 162 3.70 15.46 15.49
C LEU A 162 4.77 14.41 15.79
N SER A 163 5.04 13.55 14.82
CA SER A 163 6.07 12.52 14.96
C SER A 163 6.94 12.64 13.73
N ARG A 164 8.25 12.44 13.90
CA ARG A 164 9.12 12.53 12.75
C ARG A 164 9.46 11.14 12.27
N LEU A 165 9.41 10.93 10.96
CA LEU A 165 9.76 9.64 10.37
C LEU A 165 11.27 9.53 10.42
N MET A 166 11.78 8.64 11.27
CA MET A 166 13.22 8.47 11.37
C MET A 166 13.76 7.57 10.28
N THR A 167 12.99 6.59 9.82
CA THR A 167 13.50 5.72 8.79
C THR A 167 12.55 5.43 7.62
N GLY A 168 11.50 4.70 7.90
CA GLY A 168 10.54 4.34 6.88
C GLY A 168 9.72 5.55 6.50
N ASP A 169 8.51 5.36 5.96
CA ASP A 169 7.67 6.53 5.65
C ASP A 169 6.42 6.29 6.47
N THR A 170 6.49 5.20 7.23
CA THR A 170 5.40 4.74 8.08
C THR A 170 5.75 4.70 9.57
N TYR A 171 4.88 5.30 10.36
CA TYR A 171 5.01 5.36 11.81
C TYR A 171 4.04 4.42 12.52
N THR A 172 4.57 3.54 13.36
CA THR A 172 3.72 2.61 14.10
C THR A 172 3.45 3.21 15.48
N ALA A 173 2.19 3.21 15.90
CA ALA A 173 1.84 3.77 17.17
C ALA A 173 1.96 2.69 18.23
N HIS A 174 2.20 3.13 19.46
CA HIS A 174 2.34 2.17 20.54
C HIS A 174 1.16 1.20 20.61
N ALA A 175 1.42 -0.03 20.20
CA ALA A 175 0.43 -1.10 20.18
C ALA A 175 -0.58 -0.88 21.30
N GLY A 176 -1.86 -0.87 20.92
CA GLY A 176 -2.95 -0.63 21.85
C GLY A 176 -3.17 0.85 22.12
N ALA A 177 -3.25 1.62 21.05
CA ALA A 177 -3.50 3.05 21.22
C ALA A 177 -4.86 3.33 20.59
N LYS A 178 -5.61 4.24 21.20
CA LYS A 178 -6.93 4.57 20.67
C LYS A 178 -6.92 5.88 19.90
N PHE A 179 -7.41 5.85 18.66
CA PHE A 179 -7.46 7.04 17.83
C PHE A 179 -8.88 7.26 17.33
N PRO A 180 -9.20 8.51 16.93
CA PRO A 180 -10.54 8.84 16.43
C PRO A 180 -10.88 8.03 15.18
N ILE A 181 -11.76 7.06 15.36
CA ILE A 181 -12.18 6.16 14.28
C ILE A 181 -12.57 6.85 12.97
N LYS A 182 -13.50 7.80 13.06
CA LYS A 182 -14.01 8.51 11.89
C LYS A 182 -12.97 9.32 11.10
N TRP A 183 -11.80 9.55 11.69
CA TRP A 183 -10.76 10.32 11.01
C TRP A 183 -9.57 9.45 10.62
N THR A 184 -9.56 8.23 11.14
CA THR A 184 -8.47 7.31 10.88
C THR A 184 -8.57 6.51 9.59
N ALA A 185 -7.47 6.49 8.84
CA ALA A 185 -7.39 5.76 7.58
C ALA A 185 -7.50 4.28 7.86
N PRO A 186 -7.96 3.50 6.88
CA PRO A 186 -8.11 2.05 6.98
C PRO A 186 -6.89 1.34 7.55
N GLU A 187 -5.73 1.56 6.94
CA GLU A 187 -4.49 0.93 7.38
C GLU A 187 -4.14 1.26 8.83
N SER A 188 -4.46 2.46 9.27
CA SER A 188 -4.17 2.85 10.65
C SER A 188 -5.06 2.08 11.61
N LEU A 189 -6.35 2.00 11.31
CA LEU A 189 -7.29 1.28 12.16
C LEU A 189 -6.92 -0.21 12.16
N ALA A 190 -6.59 -0.71 10.99
CA ALA A 190 -6.22 -2.10 10.82
C ALA A 190 -4.88 -2.49 11.43
N TYR A 191 -3.83 -1.74 11.11
CA TYR A 191 -2.49 -2.07 11.61
C TYR A 191 -1.74 -1.03 12.44
N ASN A 192 -2.43 0.01 12.91
CA ASN A 192 -1.78 1.06 13.71
C ASN A 192 -0.60 1.70 13.00
N LYS A 193 -0.65 1.76 11.68
CA LYS A 193 0.43 2.34 10.91
C LYS A 193 -0.04 3.65 10.24
N PHE A 194 0.74 4.70 10.43
CA PHE A 194 0.40 6.00 9.88
C PHE A 194 1.50 6.54 8.97
N SER A 195 1.11 6.95 7.79
CA SER A 195 2.06 7.52 6.84
C SER A 195 1.49 8.90 6.55
N ILE A 196 2.16 9.66 5.69
CA ILE A 196 1.62 10.98 5.36
C ILE A 196 0.32 10.72 4.61
N LYS A 197 0.23 9.55 3.98
CA LYS A 197 -0.97 9.17 3.23
C LYS A 197 -2.15 8.95 4.19
N SER A 198 -1.84 8.62 5.43
CA SER A 198 -2.88 8.42 6.42
C SER A 198 -3.44 9.81 6.74
N ASP A 199 -2.55 10.80 6.74
CA ASP A 199 -2.94 12.17 7.02
C ASP A 199 -3.80 12.68 5.87
N VAL A 200 -3.48 12.22 4.67
CA VAL A 200 -4.24 12.61 3.51
C VAL A 200 -5.68 12.18 3.73
N TRP A 201 -5.85 10.95 4.24
CA TRP A 201 -7.19 10.43 4.50
C TRP A 201 -7.90 11.35 5.49
N ALA A 202 -7.26 11.62 6.61
CA ALA A 202 -7.83 12.48 7.63
C ALA A 202 -8.15 13.87 7.06
N PHE A 203 -7.26 14.40 6.23
CA PHE A 203 -7.46 15.70 5.60
C PHE A 203 -8.74 15.69 4.79
N GLY A 204 -8.99 14.56 4.12
CA GLY A 204 -10.19 14.41 3.34
C GLY A 204 -11.41 14.49 4.23
N VAL A 205 -11.28 13.97 5.46
CA VAL A 205 -12.37 13.98 6.42
C VAL A 205 -12.55 15.42 6.90
N LEU A 206 -11.42 16.10 7.07
CA LEU A 206 -11.41 17.49 7.50
C LEU A 206 -12.12 18.33 6.46
N LEU A 207 -11.87 18.02 5.19
CA LEU A 207 -12.55 18.75 4.13
C LEU A 207 -14.04 18.60 4.34
N TRP A 208 -14.48 17.39 4.60
CA TRP A 208 -15.89 17.13 4.82
C TRP A 208 -16.43 17.98 5.95
N GLU A 209 -15.68 18.11 7.05
CA GLU A 209 -16.14 18.92 8.19
C GLU A 209 -16.30 20.37 7.74
N ILE A 210 -15.29 20.88 7.02
CA ILE A 210 -15.35 22.25 6.54
C ILE A 210 -16.55 22.47 5.62
N ALA A 211 -16.80 21.55 4.70
CA ALA A 211 -17.92 21.70 3.75
C ALA A 211 -19.30 21.61 4.38
N THR A 212 -19.39 21.01 5.56
CA THR A 212 -20.67 20.84 6.25
C THR A 212 -20.80 21.84 7.39
N TYR A 213 -19.84 22.76 7.48
CA TYR A 213 -19.84 23.75 8.54
C TYR A 213 -19.77 23.11 9.90
N GLY A 214 -18.97 22.06 10.03
CA GLY A 214 -18.80 21.42 11.33
C GLY A 214 -19.65 20.22 11.71
N MET A 215 -20.19 19.51 10.73
CA MET A 215 -20.99 18.33 11.06
C MET A 215 -20.09 17.17 11.47
N SER A 216 -20.66 16.24 12.24
CA SER A 216 -19.90 15.08 12.66
C SER A 216 -19.80 14.14 11.46
N PRO A 217 -18.62 13.56 11.26
CA PRO A 217 -18.42 12.64 10.13
C PRO A 217 -19.25 11.36 10.34
N TYR A 218 -19.72 10.76 9.24
CA TYR A 218 -20.51 9.53 9.31
C TYR A 218 -21.60 9.65 10.35
N PRO A 219 -22.38 10.74 10.31
CA PRO A 219 -23.47 10.99 11.25
C PRO A 219 -24.51 9.89 11.30
N GLY A 220 -24.73 9.34 12.48
CA GLY A 220 -25.72 8.29 12.63
C GLY A 220 -25.15 6.89 12.54
N ILE A 221 -23.95 6.76 12.00
CA ILE A 221 -23.31 5.47 11.84
C ILE A 221 -22.48 5.09 13.07
N ASP A 222 -22.85 4.00 13.73
CA ASP A 222 -22.11 3.58 14.92
C ASP A 222 -20.68 3.18 14.57
N LEU A 223 -19.75 3.59 15.42
CA LEU A 223 -18.33 3.33 15.23
C LEU A 223 -17.97 1.90 14.86
N SER A 224 -18.56 0.94 15.55
CA SER A 224 -18.26 -0.47 15.31
C SER A 224 -18.44 -0.90 13.87
N GLN A 225 -19.13 -0.08 13.08
CA GLN A 225 -19.41 -0.42 11.69
C GLN A 225 -18.53 0.30 10.65
N VAL A 226 -18.00 1.45 11.04
CA VAL A 226 -17.16 2.25 10.15
C VAL A 226 -16.09 1.49 9.35
N TYR A 227 -15.27 0.67 10.01
CA TYR A 227 -14.23 -0.02 9.25
C TYR A 227 -14.80 -0.91 8.16
N GLU A 228 -15.84 -1.67 8.47
CA GLU A 228 -16.41 -2.57 7.49
C GLU A 228 -17.03 -1.82 6.33
N LEU A 229 -17.74 -0.75 6.66
CA LEU A 229 -18.38 0.06 5.66
C LEU A 229 -17.33 0.57 4.68
N LEU A 230 -16.18 1.01 5.19
CA LEU A 230 -15.12 1.50 4.33
C LEU A 230 -14.55 0.37 3.45
N GLU A 231 -14.48 -0.85 4.00
CA GLU A 231 -14.00 -2.00 3.23
C GLU A 231 -14.90 -2.20 2.03
N LYS A 232 -16.19 -2.28 2.32
CA LYS A 232 -17.20 -2.48 1.30
C LYS A 232 -17.32 -1.31 0.34
N ASP A 233 -16.39 -0.37 0.43
CA ASP A 233 -16.35 0.80 -0.44
C ASP A 233 -17.33 1.93 -0.16
N TYR A 234 -17.78 2.04 1.08
CA TYR A 234 -18.69 3.12 1.46
C TYR A 234 -17.90 4.39 1.77
N ARG A 235 -18.41 5.52 1.32
CA ARG A 235 -17.76 6.80 1.59
C ARG A 235 -18.86 7.81 1.88
N MET A 236 -18.53 8.86 2.63
CA MET A 236 -19.54 9.88 2.93
C MET A 236 -19.99 10.54 1.63
N GLU A 237 -21.26 10.90 1.56
CA GLU A 237 -21.80 11.53 0.37
C GLU A 237 -21.37 13.00 0.24
N ARG A 238 -21.49 13.53 -0.97
CA ARG A 238 -21.13 14.92 -1.24
C ARG A 238 -22.07 15.86 -0.46
N PRO A 239 -21.51 16.67 0.46
CA PRO A 239 -22.31 17.60 1.25
C PRO A 239 -23.06 18.59 0.38
N GLU A 240 -24.26 18.98 0.82
CA GLU A 240 -25.05 19.93 0.07
C GLU A 240 -24.22 21.19 -0.15
N GLY A 241 -24.19 21.67 -1.39
CA GLY A 241 -23.45 22.87 -1.72
C GLY A 241 -21.97 22.68 -2.02
N CYS A 242 -21.44 21.49 -1.78
CA CYS A 242 -20.03 21.20 -2.02
C CYS A 242 -19.74 21.07 -3.51
N PRO A 243 -18.90 21.97 -4.06
CA PRO A 243 -18.60 21.86 -5.50
C PRO A 243 -18.02 20.48 -5.84
N GLU A 244 -18.35 19.97 -7.01
CA GLU A 244 -17.89 18.65 -7.43
C GLU A 244 -16.37 18.48 -7.46
N LYS A 245 -15.67 19.51 -7.90
CA LYS A 245 -14.22 19.49 -7.98
C LYS A 245 -13.63 19.17 -6.61
N VAL A 246 -14.18 19.78 -5.58
CA VAL A 246 -13.70 19.57 -4.21
C VAL A 246 -14.04 18.20 -3.65
N TYR A 247 -15.21 17.68 -3.99
CA TYR A 247 -15.64 16.37 -3.50
C TYR A 247 -14.81 15.28 -4.15
N GLU A 248 -14.41 15.56 -5.38
CA GLU A 248 -13.61 14.65 -6.19
C GLU A 248 -12.24 14.50 -5.56
N LEU A 249 -11.79 15.57 -4.91
CA LEU A 249 -10.51 15.56 -4.25
C LEU A 249 -10.72 14.88 -2.90
N MET A 250 -11.89 15.12 -2.33
CA MET A 250 -12.27 14.53 -1.07
C MET A 250 -12.21 13.00 -1.24
N ARG A 251 -12.79 12.53 -2.33
CA ARG A 251 -12.83 11.11 -2.67
C ARG A 251 -11.46 10.51 -2.98
N ALA A 252 -10.56 11.33 -3.52
CA ALA A 252 -9.22 10.83 -3.84
C ALA A 252 -8.47 10.60 -2.52
N CYS A 253 -8.74 11.45 -1.55
CA CYS A 253 -8.09 11.30 -0.26
C CYS A 253 -8.55 9.99 0.39
N TRP A 254 -9.72 9.50 0.00
CA TRP A 254 -10.24 8.27 0.58
C TRP A 254 -10.03 7.00 -0.22
N GLN A 255 -8.99 6.97 -1.05
CA GLN A 255 -8.68 5.77 -1.81
C GLN A 255 -8.33 4.72 -0.75
N TRP A 256 -8.73 3.49 -0.96
CA TRP A 256 -8.44 2.44 0.00
C TRP A 256 -6.95 2.21 0.11
N ASN A 257 -6.27 2.13 -1.03
CA ASN A 257 -4.82 1.95 -1.04
C ASN A 257 -4.19 3.32 -0.79
N PRO A 258 -3.41 3.45 0.30
CA PRO A 258 -2.79 4.76 0.55
C PRO A 258 -1.93 5.32 -0.60
N SER A 259 -1.32 4.45 -1.40
CA SER A 259 -0.48 4.96 -2.48
C SER A 259 -1.32 5.53 -3.64
N ASP A 260 -2.63 5.26 -3.62
CA ASP A 260 -3.50 5.80 -4.64
C ASP A 260 -3.96 7.21 -4.25
N ARG A 261 -3.78 7.55 -2.98
CA ARG A 261 -4.18 8.87 -2.51
C ARG A 261 -3.17 9.91 -2.98
N PRO A 262 -3.63 11.13 -3.23
CA PRO A 262 -2.73 12.20 -3.69
C PRO A 262 -1.78 12.66 -2.58
N SER A 263 -0.74 13.40 -2.97
CA SER A 263 0.22 13.92 -2.01
C SER A 263 -0.31 15.27 -1.58
N PHE A 264 0.20 15.80 -0.49
CA PHE A 264 -0.27 17.12 -0.06
C PHE A 264 0.18 18.19 -1.06
N ALA A 265 1.28 17.93 -1.74
CA ALA A 265 1.78 18.88 -2.73
C ALA A 265 0.67 19.03 -3.78
N GLU A 266 0.16 17.91 -4.25
CA GLU A 266 -0.90 17.91 -5.24
C GLU A 266 -2.16 18.56 -4.69
N ILE A 267 -2.56 18.16 -3.49
CA ILE A 267 -3.76 18.71 -2.88
C ILE A 267 -3.62 20.22 -2.74
N HIS A 268 -2.48 20.67 -2.23
CA HIS A 268 -2.26 22.11 -2.05
C HIS A 268 -2.40 22.80 -3.40
N GLN A 269 -1.68 22.29 -4.39
CA GLN A 269 -1.70 22.81 -5.74
C GLN A 269 -3.14 22.98 -6.24
N ALA A 270 -3.93 21.92 -6.09
CA ALA A 270 -5.32 21.94 -6.53
C ALA A 270 -6.12 23.04 -5.85
N PHE A 271 -5.96 23.17 -4.54
CA PHE A 271 -6.68 24.19 -3.79
C PHE A 271 -6.22 25.61 -4.14
N GLU A 272 -4.92 25.81 -4.25
CA GLU A 272 -4.40 27.13 -4.59
C GLU A 272 -5.08 27.59 -5.87
N THR A 273 -5.28 26.65 -6.78
CA THR A 273 -5.91 26.95 -8.06
C THR A 273 -7.40 27.22 -7.90
N MET A 274 -8.11 26.31 -7.23
CA MET A 274 -9.53 26.53 -7.04
C MET A 274 -9.74 27.86 -6.33
N PHE A 275 -8.96 28.10 -5.27
CA PHE A 275 -9.07 29.35 -4.51
C PHE A 275 -8.88 30.56 -5.41
N GLN A 276 -7.81 30.56 -6.18
CA GLN A 276 -7.49 31.64 -7.09
C GLN A 276 -8.56 31.88 -8.16
N GLU A 277 -8.82 30.88 -9.01
CA GLU A 277 -9.81 31.03 -10.07
C GLU A 277 -11.22 31.27 -9.52
N SER A 278 -11.40 31.02 -8.23
CA SER A 278 -12.70 31.25 -7.59
C SER A 278 -12.80 32.73 -7.26
N SER A 279 -11.66 33.30 -6.90
CA SER A 279 -11.58 34.72 -6.56
C SER A 279 -11.39 35.48 -7.88
N ILE A 280 -12.26 35.19 -8.84
CA ILE A 280 -12.21 35.84 -10.16
C ILE A 280 -13.58 35.75 -10.81
N TYR B 10 -23.44 -24.23 -26.13
CA TYR B 10 -23.50 -24.27 -24.64
C TYR B 10 -22.12 -24.40 -24.03
N ASP B 11 -21.86 -23.60 -23.00
CA ASP B 11 -20.58 -23.62 -22.29
C ASP B 11 -20.88 -23.54 -20.81
N LYS B 12 -20.65 -24.65 -20.10
CA LYS B 12 -20.89 -24.69 -18.66
C LYS B 12 -20.13 -23.61 -17.90
N TRP B 13 -19.10 -23.05 -18.54
CA TRP B 13 -18.28 -22.00 -17.94
C TRP B 13 -18.88 -20.60 -18.07
N GLU B 14 -19.68 -20.39 -19.10
CA GLU B 14 -20.29 -19.08 -19.32
C GLU B 14 -21.21 -18.67 -18.19
N MET B 15 -21.10 -17.40 -17.78
CA MET B 15 -21.92 -16.89 -16.70
C MET B 15 -22.36 -15.46 -16.89
N GLU B 16 -23.13 -14.99 -15.92
CA GLU B 16 -23.66 -13.64 -15.91
C GLU B 16 -22.68 -12.63 -15.32
N ARG B 17 -22.39 -11.58 -16.09
CA ARG B 17 -21.49 -10.53 -15.67
C ARG B 17 -22.05 -9.81 -14.43
N THR B 18 -23.36 -9.95 -14.24
CA THR B 18 -24.09 -9.34 -13.13
C THR B 18 -23.74 -9.95 -11.79
N ASP B 19 -23.38 -11.23 -11.82
CA ASP B 19 -23.03 -11.99 -10.63
C ASP B 19 -21.78 -11.46 -9.94
N ILE B 20 -20.94 -10.79 -10.70
CA ILE B 20 -19.70 -10.26 -10.17
C ILE B 20 -19.76 -8.76 -9.84
N THR B 21 -19.09 -8.38 -8.77
CA THR B 21 -18.99 -6.99 -8.37
C THR B 21 -17.51 -6.72 -8.31
N MET B 22 -17.05 -5.79 -9.15
CA MET B 22 -15.64 -5.45 -9.16
C MET B 22 -15.31 -4.62 -7.93
N LYS B 23 -14.24 -5.00 -7.25
CA LYS B 23 -13.74 -4.32 -6.08
C LYS B 23 -12.42 -3.61 -6.44
N HIS B 24 -11.34 -3.98 -5.78
CA HIS B 24 -10.04 -3.34 -6.01
C HIS B 24 -9.21 -3.96 -7.17
N LYS B 25 -8.42 -3.14 -7.86
CA LYS B 25 -7.57 -3.64 -8.94
C LYS B 25 -6.38 -4.33 -8.24
N LEU B 26 -5.75 -5.31 -8.88
CA LEU B 26 -4.64 -6.04 -8.24
C LEU B 26 -3.24 -5.89 -8.83
N GLY B 27 -2.23 -6.07 -7.97
CA GLY B 27 -0.84 -6.00 -8.40
C GLY B 27 -0.33 -4.76 -9.11
N GLY B 28 -0.96 -3.62 -8.88
CA GLY B 28 -0.51 -2.39 -9.53
C GLY B 28 -0.48 -2.45 -11.04
N GLY B 29 -1.18 -3.42 -11.61
CA GLY B 29 -1.24 -3.55 -13.06
C GLY B 29 -0.23 -4.46 -13.72
N GLN B 30 0.78 -4.91 -12.98
CA GLN B 30 1.80 -5.76 -13.57
C GLN B 30 1.18 -7.01 -14.20
N TYR B 31 -0.08 -7.27 -13.86
CA TYR B 31 -0.76 -8.43 -14.41
C TYR B 31 -1.86 -8.02 -15.37
N GLY B 32 -2.02 -6.72 -15.56
CA GLY B 32 -3.03 -6.25 -16.48
C GLY B 32 -4.34 -5.86 -15.80
N GLU B 33 -5.44 -6.07 -16.52
CA GLU B 33 -6.75 -5.71 -15.99
C GLU B 33 -7.34 -6.77 -15.06
N VAL B 34 -6.73 -6.92 -13.90
CA VAL B 34 -7.18 -7.89 -12.92
C VAL B 34 -7.64 -7.17 -11.66
N TYR B 35 -8.85 -7.49 -11.22
CA TYR B 35 -9.45 -6.87 -10.05
C TYR B 35 -9.90 -7.92 -9.06
N GLU B 36 -9.93 -7.51 -7.80
CA GLU B 36 -10.49 -8.36 -6.78
C GLU B 36 -12.01 -8.20 -7.05
N GLY B 37 -12.75 -9.28 -6.84
CA GLY B 37 -14.18 -9.22 -7.04
C GLY B 37 -14.99 -10.05 -6.09
N VAL B 38 -16.30 -9.86 -6.13
CA VAL B 38 -17.19 -10.61 -5.26
C VAL B 38 -18.25 -11.30 -6.09
N TRP B 39 -18.37 -12.60 -5.91
CA TRP B 39 -19.37 -13.35 -6.63
C TRP B 39 -20.60 -13.36 -5.72
N LYS B 40 -21.36 -12.26 -5.79
CA LYS B 40 -22.56 -12.06 -4.98
C LYS B 40 -23.23 -13.35 -4.51
N LYS B 41 -23.67 -14.19 -5.45
CA LYS B 41 -24.34 -15.44 -5.12
C LYS B 41 -23.70 -16.18 -3.94
N TYR B 42 -22.40 -16.43 -4.02
CA TYR B 42 -21.71 -17.16 -2.96
C TYR B 42 -20.91 -16.32 -1.98
N SER B 43 -21.05 -14.99 -2.03
CA SER B 43 -20.29 -14.12 -1.13
C SER B 43 -18.81 -14.50 -1.18
N LEU B 44 -18.42 -15.06 -2.31
CA LEU B 44 -17.05 -15.53 -2.55
C LEU B 44 -16.17 -14.44 -3.16
N THR B 45 -14.97 -14.25 -2.62
CA THR B 45 -14.06 -13.26 -3.18
C THR B 45 -13.31 -13.93 -4.31
N VAL B 46 -13.19 -13.24 -5.44
CA VAL B 46 -12.54 -13.82 -6.61
C VAL B 46 -11.64 -12.84 -7.31
N ALA B 47 -10.94 -13.35 -8.32
CA ALA B 47 -10.06 -12.55 -9.14
C ALA B 47 -10.71 -12.53 -10.53
N VAL B 48 -10.79 -11.34 -11.12
CA VAL B 48 -11.40 -11.20 -12.42
C VAL B 48 -10.46 -10.44 -13.36
N LYS B 49 -10.23 -11.00 -14.54
CA LYS B 49 -9.40 -10.37 -15.58
C LYS B 49 -10.38 -9.82 -16.61
N THR B 50 -10.20 -8.57 -17.03
CA THR B 50 -11.12 -7.95 -17.98
C THR B 50 -10.48 -7.34 -19.24
N LEU B 51 -11.30 -7.29 -20.28
CA LEU B 51 -10.97 -6.73 -21.58
C LEU B 51 -12.11 -5.77 -21.88
N LYS B 52 -12.03 -4.60 -21.25
CA LYS B 52 -13.06 -3.55 -21.34
C LYS B 52 -13.88 -3.56 -22.61
N GLU B 53 -13.29 -3.22 -23.74
CA GLU B 53 -14.06 -3.28 -24.98
C GLU B 53 -13.29 -3.82 -26.18
N ASP B 54 -13.46 -5.12 -26.38
CA ASP B 54 -12.89 -5.90 -27.47
C ASP B 54 -11.72 -5.33 -28.31
N THR B 55 -10.67 -4.83 -27.66
CA THR B 55 -9.53 -4.31 -28.43
C THR B 55 -8.91 -5.40 -29.30
N MET B 56 -7.68 -5.14 -29.73
CA MET B 56 -6.95 -6.05 -30.60
C MET B 56 -6.37 -7.26 -29.89
N GLU B 57 -6.51 -7.33 -28.58
CA GLU B 57 -5.96 -8.48 -27.88
C GLU B 57 -7.02 -9.44 -27.35
N VAL B 58 -8.12 -9.58 -28.10
CA VAL B 58 -9.22 -10.47 -27.73
C VAL B 58 -8.86 -11.93 -27.97
N GLU B 59 -8.27 -12.19 -29.13
CA GLU B 59 -7.84 -13.51 -29.52
C GLU B 59 -7.10 -14.26 -28.40
N GLU B 60 -6.14 -13.58 -27.79
CA GLU B 60 -5.36 -14.20 -26.73
C GLU B 60 -6.12 -14.32 -25.44
N PHE B 61 -6.99 -13.35 -25.18
CA PHE B 61 -7.80 -13.40 -23.97
C PHE B 61 -8.65 -14.67 -24.05
N LEU B 62 -9.39 -14.79 -25.14
CA LEU B 62 -10.26 -15.92 -25.38
C LEU B 62 -9.47 -17.21 -25.30
N LYS B 63 -8.30 -17.21 -25.94
CA LYS B 63 -7.42 -18.38 -25.95
C LYS B 63 -7.02 -18.82 -24.54
N GLU B 64 -6.63 -17.84 -23.75
CA GLU B 64 -6.23 -18.06 -22.37
C GLU B 64 -7.38 -18.72 -21.60
N ALA B 65 -8.59 -18.25 -21.84
CA ALA B 65 -9.77 -18.78 -21.15
C ALA B 65 -10.02 -20.25 -21.49
N ALA B 66 -9.96 -20.56 -22.78
CA ALA B 66 -10.18 -21.91 -23.26
C ALA B 66 -9.17 -22.88 -22.65
N VAL B 67 -7.90 -22.45 -22.64
CA VAL B 67 -6.83 -23.26 -22.08
C VAL B 67 -7.11 -23.54 -20.60
N MET B 68 -7.53 -22.51 -19.89
CA MET B 68 -7.81 -22.65 -18.47
C MET B 68 -8.95 -23.60 -18.13
N LYS B 69 -9.91 -23.76 -19.04
CA LYS B 69 -11.03 -24.65 -18.80
C LYS B 69 -10.52 -26.09 -18.76
N GLU B 70 -9.38 -26.33 -19.40
CA GLU B 70 -8.81 -27.66 -19.48
C GLU B 70 -7.84 -28.05 -18.37
N ILE B 71 -7.34 -27.07 -17.65
CA ILE B 71 -6.40 -27.37 -16.58
C ILE B 71 -7.01 -27.30 -15.20
N LYS B 72 -6.84 -28.39 -14.46
CA LYS B 72 -7.31 -28.48 -13.10
C LYS B 72 -6.23 -29.19 -12.30
N HIS B 73 -5.58 -28.45 -11.40
CA HIS B 73 -4.53 -29.02 -10.55
C HIS B 73 -4.50 -28.23 -9.25
N PRO B 74 -4.30 -28.91 -8.12
CA PRO B 74 -4.28 -28.18 -6.83
C PRO B 74 -3.29 -27.02 -6.74
N ASN B 75 -2.28 -27.01 -7.60
CA ASN B 75 -1.31 -25.94 -7.55
C ASN B 75 -1.29 -25.02 -8.75
N LEU B 76 -2.39 -25.01 -9.50
CA LEU B 76 -2.53 -24.11 -10.63
C LEU B 76 -3.77 -23.31 -10.31
N VAL B 77 -3.73 -22.00 -10.56
CA VAL B 77 -4.88 -21.17 -10.29
C VAL B 77 -6.11 -21.74 -10.99
N GLN B 78 -7.20 -21.89 -10.25
CA GLN B 78 -8.42 -22.47 -10.79
C GLN B 78 -9.39 -21.48 -11.42
N LEU B 79 -9.88 -21.84 -12.59
CA LEU B 79 -10.85 -21.04 -13.33
C LEU B 79 -12.24 -21.30 -12.74
N LEU B 80 -12.99 -20.23 -12.44
CA LEU B 80 -14.31 -20.40 -11.86
C LEU B 80 -15.40 -20.14 -12.89
N GLY B 81 -15.09 -19.32 -13.88
CA GLY B 81 -16.06 -19.03 -14.91
C GLY B 81 -15.57 -17.98 -15.89
N VAL B 82 -16.39 -17.69 -16.89
CA VAL B 82 -16.05 -16.69 -17.89
C VAL B 82 -17.26 -15.96 -18.43
N CYS B 83 -17.00 -14.78 -18.95
CA CYS B 83 -18.01 -13.94 -19.57
C CYS B 83 -17.34 -13.56 -20.87
N THR B 84 -17.53 -14.40 -21.89
CA THR B 84 -16.90 -14.16 -23.18
C THR B 84 -17.84 -14.05 -24.39
N ARG B 85 -19.09 -13.67 -24.17
CA ARG B 85 -20.04 -13.51 -25.26
C ARG B 85 -20.04 -12.06 -25.74
N GLU B 86 -20.15 -11.12 -24.81
CA GLU B 86 -20.16 -9.70 -25.13
C GLU B 86 -19.17 -8.96 -24.23
N PRO B 87 -18.64 -7.83 -24.70
CA PRO B 87 -17.68 -7.06 -23.88
C PRO B 87 -18.42 -6.39 -22.72
N PRO B 88 -17.71 -6.14 -21.60
CA PRO B 88 -16.30 -6.48 -21.38
C PRO B 88 -16.17 -7.97 -21.13
N PHE B 89 -15.08 -8.56 -21.60
CA PHE B 89 -14.88 -9.99 -21.37
C PHE B 89 -14.32 -10.23 -19.97
N TYR B 90 -14.70 -11.36 -19.38
CA TYR B 90 -14.27 -11.71 -18.03
C TYR B 90 -13.69 -13.11 -17.94
N ILE B 91 -12.64 -13.24 -17.14
CA ILE B 91 -12.05 -14.53 -16.84
C ILE B 91 -12.09 -14.45 -15.31
N ILE B 92 -12.87 -15.34 -14.71
CA ILE B 92 -13.00 -15.35 -13.26
C ILE B 92 -12.25 -16.53 -12.65
N THR B 93 -11.46 -16.26 -11.62
CA THR B 93 -10.68 -17.30 -10.97
C THR B 93 -10.74 -17.18 -9.44
N GLU B 94 -10.22 -18.20 -8.78
CA GLU B 94 -10.16 -18.21 -7.32
C GLU B 94 -9.21 -17.08 -6.93
N PHE B 95 -9.42 -16.56 -5.73
CA PHE B 95 -8.60 -15.47 -5.24
C PHE B 95 -7.47 -16.00 -4.38
N MET B 96 -6.25 -15.53 -4.65
CA MET B 96 -5.08 -15.91 -3.88
C MET B 96 -4.84 -14.76 -2.92
N THR B 97 -5.15 -14.99 -1.64
CA THR B 97 -5.04 -13.98 -0.60
C THR B 97 -3.69 -13.33 -0.28
N TYR B 98 -2.56 -13.96 -0.61
CA TYR B 98 -1.29 -13.35 -0.25
C TYR B 98 -0.41 -12.71 -1.29
N GLY B 99 -0.93 -12.53 -2.51
CA GLY B 99 -0.13 -11.91 -3.56
C GLY B 99 0.81 -12.89 -4.21
N ASN B 100 1.87 -12.37 -4.84
CA ASN B 100 2.82 -13.24 -5.50
C ASN B 100 3.94 -13.71 -4.58
N LEU B 101 4.50 -14.88 -4.88
CA LEU B 101 5.56 -15.49 -4.09
C LEU B 101 6.80 -14.62 -3.93
N LEU B 102 7.07 -13.75 -4.89
CA LEU B 102 8.23 -12.88 -4.80
C LEU B 102 8.08 -11.89 -3.63
N ASP B 103 6.96 -11.17 -3.59
CA ASP B 103 6.74 -10.23 -2.49
C ASP B 103 6.61 -10.98 -1.16
N TYR B 104 5.99 -12.15 -1.22
CA TYR B 104 5.83 -12.94 -0.03
C TYR B 104 7.18 -13.31 0.58
N LEU B 105 8.10 -13.79 -0.26
CA LEU B 105 9.42 -14.18 0.22
C LEU B 105 10.22 -13.01 0.80
N ARG B 106 10.12 -11.86 0.15
CA ARG B 106 10.83 -10.65 0.55
C ARG B 106 10.32 -10.01 1.84
N GLU B 107 9.04 -10.21 2.14
CA GLU B 107 8.47 -9.61 3.34
C GLU B 107 8.25 -10.58 4.50
N CYS B 108 8.15 -11.86 4.20
CA CYS B 108 7.87 -12.86 5.21
C CYS B 108 8.78 -12.85 6.43
N ASN B 109 8.35 -13.60 7.42
CA ASN B 109 9.09 -13.79 8.67
C ASN B 109 9.84 -15.07 8.34
N ARG B 110 11.17 -15.00 8.24
CA ARG B 110 11.96 -16.17 7.90
C ARG B 110 12.01 -17.27 8.94
N GLN B 111 11.57 -16.96 10.17
CA GLN B 111 11.55 -17.97 11.22
C GLN B 111 10.30 -18.81 10.99
N GLU B 112 9.30 -18.21 10.35
CA GLU B 112 8.05 -18.89 10.02
C GLU B 112 8.22 -19.57 8.66
N VAL B 113 8.63 -18.79 7.66
CA VAL B 113 8.86 -19.27 6.29
C VAL B 113 10.26 -19.85 6.27
N SER B 114 10.42 -21.00 6.91
CA SER B 114 11.70 -21.67 7.03
C SER B 114 12.07 -22.56 5.86
N ALA B 115 13.21 -23.24 6.01
CA ALA B 115 13.75 -24.14 5.01
C ALA B 115 12.77 -25.22 4.58
N VAL B 116 12.06 -25.80 5.52
CA VAL B 116 11.10 -26.85 5.22
C VAL B 116 9.96 -26.23 4.41
N VAL B 117 9.60 -25.01 4.75
CA VAL B 117 8.53 -24.34 4.04
C VAL B 117 9.00 -24.00 2.62
N LEU B 118 10.24 -23.58 2.48
CA LEU B 118 10.77 -23.26 1.16
C LEU B 118 10.75 -24.54 0.34
N LEU B 119 11.09 -25.64 0.99
CA LEU B 119 11.12 -26.96 0.39
C LEU B 119 9.71 -27.33 -0.06
N TYR B 120 8.74 -27.03 0.81
CA TYR B 120 7.33 -27.31 0.55
C TYR B 120 6.79 -26.51 -0.64
N MET B 121 7.16 -25.24 -0.71
CA MET B 121 6.71 -24.39 -1.80
C MET B 121 7.30 -24.89 -3.14
N ALA B 122 8.58 -25.28 -3.11
CA ALA B 122 9.25 -25.79 -4.29
C ALA B 122 8.58 -27.08 -4.80
N THR B 123 8.05 -27.86 -3.86
CA THR B 123 7.38 -29.10 -4.19
C THR B 123 6.00 -28.86 -4.82
N GLN B 124 5.30 -27.83 -4.37
CA GLN B 124 3.99 -27.53 -4.93
C GLN B 124 4.18 -27.05 -6.37
N ILE B 125 5.15 -26.17 -6.57
CA ILE B 125 5.44 -25.65 -7.89
C ILE B 125 5.84 -26.76 -8.87
N SER B 126 6.80 -27.60 -8.47
CA SER B 126 7.24 -28.69 -9.34
C SER B 126 6.07 -29.63 -9.62
N SER B 127 5.13 -29.70 -8.68
CA SER B 127 3.97 -30.53 -8.86
C SER B 127 3.12 -29.99 -10.00
N ALA B 128 2.97 -28.67 -10.04
CA ALA B 128 2.19 -28.01 -11.07
C ALA B 128 2.87 -28.17 -12.42
N MET B 129 4.19 -28.03 -12.42
CA MET B 129 4.92 -28.15 -13.66
C MET B 129 4.89 -29.57 -14.20
N GLU B 130 4.89 -30.58 -13.31
CA GLU B 130 4.84 -31.97 -13.76
C GLU B 130 3.51 -32.18 -14.49
N TYR B 131 2.47 -31.55 -13.96
CA TYR B 131 1.13 -31.63 -14.53
C TYR B 131 1.12 -31.02 -15.93
N LEU B 132 1.66 -29.82 -16.06
CA LEU B 132 1.72 -29.12 -17.33
C LEU B 132 2.55 -29.91 -18.34
N GLU B 133 3.57 -30.60 -17.84
CA GLU B 133 4.47 -31.41 -18.66
C GLU B 133 3.71 -32.56 -19.28
N LYS B 134 2.93 -33.29 -18.46
CA LYS B 134 2.14 -34.42 -18.96
C LYS B 134 1.03 -33.96 -19.88
N LYS B 135 0.53 -32.75 -19.64
CA LYS B 135 -0.55 -32.18 -20.42
C LYS B 135 -0.07 -31.55 -21.72
N ASN B 136 1.24 -31.56 -21.96
CA ASN B 136 1.83 -30.99 -23.18
C ASN B 136 1.66 -29.48 -23.27
N PHE B 137 1.84 -28.81 -22.13
CA PHE B 137 1.76 -27.37 -22.10
C PHE B 137 3.15 -26.84 -21.72
N ILE B 138 3.43 -25.60 -22.09
CA ILE B 138 4.68 -24.98 -21.71
C ILE B 138 4.29 -23.65 -21.09
N HIS B 139 5.09 -23.16 -20.17
CA HIS B 139 4.80 -21.90 -19.53
C HIS B 139 5.78 -20.89 -20.11
N ARG B 140 5.27 -19.82 -20.70
CA ARG B 140 6.15 -18.82 -21.28
C ARG B 140 6.79 -17.86 -20.28
N ASP B 141 6.34 -17.89 -19.03
CA ASP B 141 6.90 -16.96 -18.06
C ASP B 141 6.90 -17.50 -16.64
N LEU B 142 7.72 -18.51 -16.39
CA LEU B 142 7.80 -19.09 -15.07
C LEU B 142 8.79 -18.29 -14.21
N ALA B 143 8.32 -17.75 -13.08
CA ALA B 143 9.14 -16.97 -12.16
C ALA B 143 8.38 -16.73 -10.86
N ALA B 144 9.10 -16.35 -9.80
CA ALA B 144 8.45 -16.11 -8.51
C ALA B 144 7.31 -15.10 -8.63
N ARG B 145 7.52 -14.05 -9.43
CA ARG B 145 6.48 -13.03 -9.61
C ARG B 145 5.18 -13.61 -10.18
N ASN B 146 5.25 -14.75 -10.86
CA ASN B 146 4.04 -15.35 -11.42
C ASN B 146 3.48 -16.59 -10.69
N CYS B 147 3.76 -16.66 -9.39
CA CYS B 147 3.26 -17.72 -8.53
C CYS B 147 2.48 -16.96 -7.46
N LEU B 148 1.26 -17.41 -7.18
CA LEU B 148 0.43 -16.74 -6.21
C LEU B 148 0.40 -17.52 -4.90
N VAL B 149 0.31 -16.79 -3.79
CA VAL B 149 0.33 -17.42 -2.49
C VAL B 149 -0.95 -17.30 -1.69
N GLY B 150 -1.34 -18.38 -1.04
CA GLY B 150 -2.53 -18.37 -0.23
C GLY B 150 -2.17 -18.64 1.22
N GLU B 151 -3.16 -18.98 2.02
CA GLU B 151 -2.94 -19.28 3.44
C GLU B 151 -2.09 -20.53 3.55
N ASN B 152 -1.29 -20.59 4.62
CA ASN B 152 -0.45 -21.75 4.90
C ASN B 152 0.60 -22.10 3.86
N HIS B 153 1.20 -21.09 3.26
CA HIS B 153 2.25 -21.32 2.25
C HIS B 153 1.75 -22.16 1.08
N LEU B 154 0.47 -22.01 0.77
CA LEU B 154 -0.12 -22.70 -0.36
C LEU B 154 0.34 -21.87 -1.55
N VAL B 155 0.92 -22.54 -2.55
CA VAL B 155 1.40 -21.84 -3.73
C VAL B 155 0.74 -22.38 -4.99
N LYS B 156 0.39 -21.47 -5.90
CA LYS B 156 -0.22 -21.86 -7.16
C LYS B 156 0.41 -21.10 -8.30
N VAL B 157 0.75 -21.80 -9.37
CA VAL B 157 1.36 -21.18 -10.54
C VAL B 157 0.25 -20.54 -11.36
N ALA B 158 0.51 -19.33 -11.87
CA ALA B 158 -0.46 -18.59 -12.67
C ALA B 158 -0.67 -19.31 -14.01
N ASP B 159 -1.91 -19.45 -14.43
CA ASP B 159 -2.23 -20.14 -15.68
C ASP B 159 -2.14 -19.26 -16.90
N PHE B 160 -2.02 -17.95 -16.72
CA PHE B 160 -1.90 -17.12 -17.91
C PHE B 160 -0.51 -17.40 -18.47
N GLY B 161 -0.34 -17.24 -19.78
CA GLY B 161 0.95 -17.50 -20.39
C GLY B 161 1.22 -18.95 -20.77
N LEU B 162 0.17 -19.75 -20.87
CA LEU B 162 0.33 -21.16 -21.24
C LEU B 162 0.16 -21.34 -22.74
N SER B 163 0.92 -22.27 -23.31
CA SER B 163 0.84 -22.59 -24.73
C SER B 163 0.80 -24.09 -24.78
N ARG B 164 -0.05 -24.64 -25.64
CA ARG B 164 -0.11 -26.08 -25.75
C ARG B 164 0.70 -26.52 -26.95
N LEU B 165 1.51 -27.55 -26.77
CA LEU B 165 2.27 -28.07 -27.89
C LEU B 165 1.24 -28.76 -28.76
N MET B 166 0.99 -28.23 -29.95
CA MET B 166 0.01 -28.84 -30.83
C MET B 166 0.59 -30.02 -31.59
N THR B 167 1.84 -29.88 -32.02
CA THR B 167 2.49 -30.94 -32.77
C THR B 167 3.84 -31.38 -32.21
N GLY B 168 4.85 -30.53 -32.31
CA GLY B 168 6.15 -30.88 -31.79
C GLY B 168 6.30 -30.66 -30.28
N ASP B 169 7.52 -30.71 -29.78
CA ASP B 169 7.75 -30.50 -28.37
C ASP B 169 8.37 -29.14 -28.14
N THR B 170 8.55 -28.40 -29.22
CA THR B 170 9.14 -27.08 -29.14
C THR B 170 8.21 -26.03 -29.70
N TYR B 171 8.10 -24.92 -28.99
CA TYR B 171 7.26 -23.80 -29.38
C TYR B 171 8.20 -22.67 -29.77
N THR B 172 7.81 -21.90 -30.77
CA THR B 172 8.64 -20.78 -31.21
C THR B 172 7.85 -19.50 -31.00
N ALA B 173 8.45 -18.52 -30.32
CA ALA B 173 7.78 -17.25 -30.09
C ALA B 173 7.95 -16.41 -31.34
N HIS B 174 6.93 -15.63 -31.69
CA HIS B 174 7.01 -14.81 -32.88
C HIS B 174 8.29 -14.00 -32.84
N ALA B 175 8.78 -13.62 -34.01
CA ALA B 175 10.00 -12.85 -34.09
C ALA B 175 9.86 -11.54 -33.31
N GLY B 176 10.98 -11.04 -32.79
CA GLY B 176 10.97 -9.80 -32.04
C GLY B 176 10.20 -9.85 -30.72
N ALA B 177 10.07 -11.04 -30.15
CA ALA B 177 9.36 -11.18 -28.88
C ALA B 177 10.39 -10.94 -27.78
N LYS B 178 9.98 -10.21 -26.74
CA LYS B 178 10.90 -9.92 -25.64
C LYS B 178 10.50 -10.71 -24.41
N PHE B 179 11.47 -11.39 -23.81
CA PHE B 179 11.19 -12.16 -22.61
C PHE B 179 12.15 -11.80 -21.48
N PRO B 180 11.82 -12.19 -20.24
CA PRO B 180 12.70 -11.88 -19.10
C PRO B 180 14.00 -12.65 -19.24
N ILE B 181 15.05 -11.93 -19.62
CA ILE B 181 16.36 -12.51 -19.86
C ILE B 181 16.87 -13.47 -18.79
N LYS B 182 16.93 -13.00 -17.54
CA LYS B 182 17.43 -13.79 -16.42
C LYS B 182 16.72 -15.10 -16.15
N TRP B 183 15.54 -15.28 -16.73
CA TRP B 183 14.75 -16.51 -16.51
C TRP B 183 14.65 -17.34 -17.79
N THR B 184 15.23 -16.83 -18.86
CA THR B 184 15.14 -17.48 -20.16
C THR B 184 16.30 -18.40 -20.54
N ALA B 185 15.96 -19.65 -20.85
CA ALA B 185 16.96 -20.62 -21.24
C ALA B 185 17.74 -20.13 -22.47
N PRO B 186 18.97 -20.64 -22.65
CA PRO B 186 19.86 -20.29 -23.77
C PRO B 186 19.20 -20.49 -25.14
N GLU B 187 18.57 -21.64 -25.36
CA GLU B 187 17.93 -21.90 -26.64
C GLU B 187 16.80 -20.91 -26.94
N SER B 188 16.15 -20.39 -25.90
CA SER B 188 15.06 -19.44 -26.08
C SER B 188 15.59 -18.05 -26.37
N LEU B 189 16.69 -17.69 -25.73
CA LEU B 189 17.28 -16.38 -25.97
C LEU B 189 17.87 -16.37 -27.37
N ALA B 190 18.53 -17.47 -27.71
CA ALA B 190 19.19 -17.59 -29.00
C ALA B 190 18.26 -17.83 -30.19
N TYR B 191 17.29 -18.72 -30.04
CA TYR B 191 16.39 -19.04 -31.16
C TYR B 191 14.92 -18.93 -30.88
N ASN B 192 14.54 -18.23 -29.81
CA ASN B 192 13.12 -18.08 -29.49
C ASN B 192 12.40 -19.42 -29.41
N LYS B 193 13.12 -20.45 -28.97
CA LYS B 193 12.55 -21.78 -28.85
C LYS B 193 12.28 -22.17 -27.40
N PHE B 194 11.04 -22.56 -27.14
CA PHE B 194 10.61 -22.96 -25.80
C PHE B 194 10.07 -24.37 -25.77
N SER B 195 10.55 -25.15 -24.82
CA SER B 195 10.10 -26.51 -24.63
C SER B 195 9.87 -26.65 -23.14
N ILE B 196 9.38 -27.81 -22.72
CA ILE B 196 9.16 -28.03 -21.31
C ILE B 196 10.53 -27.92 -20.63
N LYS B 197 11.57 -28.25 -21.38
CA LYS B 197 12.92 -28.18 -20.85
C LYS B 197 13.35 -26.74 -20.58
N SER B 198 12.77 -25.81 -21.34
CA SER B 198 13.07 -24.40 -21.15
C SER B 198 12.45 -23.96 -19.82
N ASP B 199 11.32 -24.57 -19.46
CA ASP B 199 10.66 -24.25 -18.19
C ASP B 199 11.49 -24.81 -17.05
N VAL B 200 12.15 -25.95 -17.29
CA VAL B 200 13.00 -26.55 -16.27
C VAL B 200 14.11 -25.55 -15.98
N TRP B 201 14.65 -24.93 -17.03
CA TRP B 201 15.67 -23.93 -16.82
C TRP B 201 15.11 -22.79 -15.95
N ALA B 202 13.95 -22.26 -16.31
CA ALA B 202 13.35 -21.17 -15.55
C ALA B 202 13.02 -21.58 -14.14
N PHE B 203 12.56 -22.82 -13.97
CA PHE B 203 12.23 -23.37 -12.65
C PHE B 203 13.49 -23.34 -11.78
N GLY B 204 14.62 -23.61 -12.42
CA GLY B 204 15.89 -23.59 -11.72
C GLY B 204 16.13 -22.19 -11.20
N VAL B 205 15.90 -21.20 -12.06
CA VAL B 205 16.07 -19.82 -11.63
C VAL B 205 15.10 -19.54 -10.49
N LEU B 206 13.88 -20.07 -10.60
CA LEU B 206 12.86 -19.86 -9.58
C LEU B 206 13.30 -20.43 -8.23
N LEU B 207 13.99 -21.57 -8.25
CA LEU B 207 14.48 -22.18 -7.02
C LEU B 207 15.46 -21.23 -6.38
N TRP B 208 16.24 -20.57 -7.24
CA TRP B 208 17.22 -19.61 -6.75
C TRP B 208 16.52 -18.45 -6.07
N GLU B 209 15.40 -18.00 -6.63
CA GLU B 209 14.67 -16.89 -6.00
C GLU B 209 14.16 -17.32 -4.63
N ILE B 210 13.62 -18.54 -4.57
CA ILE B 210 13.10 -19.06 -3.31
C ILE B 210 14.20 -19.16 -2.27
N ALA B 211 15.32 -19.77 -2.66
CA ALA B 211 16.44 -19.96 -1.75
C ALA B 211 17.05 -18.66 -1.23
N THR B 212 16.97 -17.60 -2.03
CA THR B 212 17.53 -16.31 -1.64
C THR B 212 16.44 -15.42 -1.06
N TYR B 213 15.26 -15.98 -0.87
CA TYR B 213 14.14 -15.22 -0.35
C TYR B 213 13.79 -14.04 -1.26
N GLY B 214 13.82 -14.27 -2.56
CA GLY B 214 13.45 -13.24 -3.51
C GLY B 214 14.47 -12.27 -4.05
N MET B 215 15.74 -12.66 -4.10
CA MET B 215 16.74 -11.76 -4.65
C MET B 215 16.63 -11.78 -6.17
N SER B 216 17.14 -10.75 -6.82
CA SER B 216 17.10 -10.70 -8.27
C SER B 216 18.21 -11.59 -8.79
N PRO B 217 17.91 -12.42 -9.80
CA PRO B 217 18.93 -13.31 -10.35
C PRO B 217 20.09 -12.53 -10.94
N TYR B 218 21.24 -13.20 -11.12
CA TYR B 218 22.46 -12.59 -11.67
C TYR B 218 22.59 -11.14 -11.21
N PRO B 219 22.68 -10.94 -9.89
CA PRO B 219 22.80 -9.58 -9.34
C PRO B 219 23.98 -8.74 -9.83
N GLY B 220 23.68 -7.54 -10.29
CA GLY B 220 24.71 -6.63 -10.77
C GLY B 220 25.16 -6.91 -12.19
N ILE B 221 24.81 -8.07 -12.70
CA ILE B 221 25.19 -8.46 -14.05
C ILE B 221 24.25 -7.88 -15.09
N ASP B 222 24.78 -7.01 -15.96
CA ASP B 222 23.96 -6.39 -16.98
C ASP B 222 23.45 -7.38 -18.00
N LEU B 223 22.18 -7.23 -18.33
CA LEU B 223 21.48 -8.10 -19.28
C LEU B 223 22.16 -8.37 -20.60
N SER B 224 22.86 -7.38 -21.13
CA SER B 224 23.52 -7.53 -22.41
C SER B 224 24.59 -8.63 -22.44
N GLN B 225 25.06 -9.07 -21.28
CA GLN B 225 26.09 -10.09 -21.23
C GLN B 225 25.67 -11.45 -20.66
N VAL B 226 24.45 -11.55 -20.16
CA VAL B 226 23.99 -12.81 -19.59
C VAL B 226 24.18 -14.01 -20.52
N TYR B 227 23.78 -13.86 -21.78
CA TYR B 227 23.91 -14.97 -22.73
C TYR B 227 25.35 -15.49 -22.87
N GLU B 228 26.28 -14.58 -23.16
CA GLU B 228 27.69 -14.94 -23.33
C GLU B 228 28.25 -15.62 -22.08
N LEU B 229 27.83 -15.16 -20.91
CA LEU B 229 28.28 -15.76 -19.66
C LEU B 229 27.78 -17.20 -19.57
N LEU B 230 26.54 -17.44 -19.99
CA LEU B 230 25.99 -18.79 -19.94
C LEU B 230 26.72 -19.68 -20.91
N GLU B 231 27.20 -19.11 -22.01
CA GLU B 231 27.95 -19.87 -23.00
C GLU B 231 29.26 -20.37 -22.41
N LYS B 232 30.00 -19.46 -21.77
CA LYS B 232 31.28 -19.78 -21.15
C LYS B 232 31.07 -20.60 -19.90
N ASP B 233 29.85 -21.12 -19.77
CA ASP B 233 29.49 -21.95 -18.64
C ASP B 233 29.41 -21.27 -17.27
N TYR B 234 29.03 -20.00 -17.26
CA TYR B 234 28.86 -19.31 -15.98
C TYR B 234 27.46 -19.63 -15.46
N ARG B 235 27.33 -19.70 -14.14
CA ARG B 235 26.04 -19.98 -13.53
C ARG B 235 26.07 -19.34 -12.15
N MET B 236 24.90 -18.94 -11.65
CA MET B 236 24.83 -18.35 -10.33
C MET B 236 25.37 -19.30 -9.26
N GLU B 237 25.97 -18.72 -8.23
CA GLU B 237 26.55 -19.48 -7.13
C GLU B 237 25.47 -20.04 -6.20
N ARG B 238 25.86 -20.98 -5.36
CA ARG B 238 24.91 -21.57 -4.42
C ARG B 238 24.60 -20.53 -3.35
N PRO B 239 23.31 -20.22 -3.15
CA PRO B 239 22.94 -19.22 -2.14
C PRO B 239 23.36 -19.63 -0.74
N GLU B 240 23.52 -18.66 0.17
CA GLU B 240 23.89 -18.97 1.53
C GLU B 240 22.78 -19.80 2.16
N GLY B 241 23.16 -20.93 2.76
CA GLY B 241 22.17 -21.78 3.42
C GLY B 241 21.39 -22.68 2.51
N CYS B 242 21.72 -22.69 1.22
CA CYS B 242 21.01 -23.53 0.27
C CYS B 242 21.60 -24.93 0.37
N PRO B 243 20.77 -25.92 0.73
CA PRO B 243 21.33 -27.28 0.83
C PRO B 243 21.95 -27.71 -0.50
N GLU B 244 23.07 -28.42 -0.42
CA GLU B 244 23.76 -28.87 -1.62
C GLU B 244 22.87 -29.68 -2.56
N LYS B 245 22.05 -30.56 -1.99
CA LYS B 245 21.15 -31.40 -2.78
C LYS B 245 20.33 -30.49 -3.72
N VAL B 246 19.75 -29.45 -3.14
CA VAL B 246 18.94 -28.50 -3.89
C VAL B 246 19.75 -27.76 -4.96
N TYR B 247 20.94 -27.33 -4.60
CA TYR B 247 21.78 -26.60 -5.56
C TYR B 247 22.17 -27.44 -6.74
N GLU B 248 22.43 -28.73 -6.50
CA GLU B 248 22.82 -29.66 -7.55
C GLU B 248 21.67 -29.80 -8.52
N LEU B 249 20.45 -29.78 -8.00
CA LEU B 249 19.27 -29.91 -8.84
C LEU B 249 19.09 -28.61 -9.62
N MET B 250 19.41 -27.50 -8.97
CA MET B 250 19.33 -26.18 -9.57
C MET B 250 20.25 -26.22 -10.80
N ARG B 251 21.48 -26.70 -10.59
CA ARG B 251 22.48 -26.81 -11.63
C ARG B 251 22.12 -27.78 -12.76
N ALA B 252 21.39 -28.84 -12.43
CA ALA B 252 20.96 -29.81 -13.43
C ALA B 252 19.98 -29.08 -14.35
N CYS B 253 19.14 -28.23 -13.75
CA CYS B 253 18.16 -27.45 -14.51
C CYS B 253 18.83 -26.53 -15.53
N TRP B 254 20.05 -26.10 -15.22
CA TRP B 254 20.74 -25.19 -16.12
C TRP B 254 21.75 -25.82 -17.04
N GLN B 255 21.57 -27.11 -17.35
CA GLN B 255 22.46 -27.78 -18.29
C GLN B 255 22.28 -27.05 -19.61
N TRP B 256 23.38 -26.78 -20.32
CA TRP B 256 23.27 -26.07 -21.58
C TRP B 256 22.38 -26.79 -22.60
N ASN B 257 22.52 -28.10 -22.67
CA ASN B 257 21.72 -28.90 -23.58
C ASN B 257 20.39 -29.21 -22.91
N PRO B 258 19.27 -28.78 -23.51
CA PRO B 258 17.94 -29.04 -22.92
C PRO B 258 17.61 -30.48 -22.60
N SER B 259 18.12 -31.42 -23.38
CA SER B 259 17.85 -32.84 -23.14
C SER B 259 18.60 -33.39 -21.95
N ASP B 260 19.59 -32.64 -21.45
CA ASP B 260 20.36 -33.05 -20.27
C ASP B 260 19.65 -32.61 -18.98
N ARG B 261 18.72 -31.66 -19.11
CA ARG B 261 17.99 -31.15 -17.96
C ARG B 261 16.97 -32.17 -17.49
N PRO B 262 16.79 -32.28 -16.17
CA PRO B 262 15.81 -33.29 -15.73
C PRO B 262 14.38 -32.94 -16.16
N SER B 263 13.47 -33.87 -15.94
CA SER B 263 12.07 -33.66 -16.29
C SER B 263 11.41 -33.16 -15.01
N PHE B 264 10.22 -32.60 -15.12
CA PHE B 264 9.55 -32.16 -13.91
C PHE B 264 9.07 -33.34 -13.05
N ALA B 265 8.93 -34.51 -13.66
CA ALA B 265 8.52 -35.68 -12.89
C ALA B 265 9.67 -36.03 -11.95
N GLU B 266 10.90 -35.99 -12.48
CA GLU B 266 12.07 -36.27 -11.66
C GLU B 266 12.28 -35.17 -10.62
N ILE B 267 12.09 -33.91 -11.03
CA ILE B 267 12.26 -32.79 -10.10
C ILE B 267 11.24 -32.90 -8.98
N HIS B 268 9.98 -33.09 -9.36
CA HIS B 268 8.91 -33.20 -8.37
C HIS B 268 9.21 -34.33 -7.41
N GLN B 269 9.64 -35.47 -7.95
CA GLN B 269 9.97 -36.65 -7.18
C GLN B 269 11.05 -36.32 -6.14
N ALA B 270 12.12 -35.67 -6.59
CA ALA B 270 13.20 -35.31 -5.70
C ALA B 270 12.74 -34.40 -4.58
N PHE B 271 11.87 -33.44 -4.90
CA PHE B 271 11.38 -32.52 -3.88
C PHE B 271 10.42 -33.18 -2.92
N GLU B 272 9.59 -34.09 -3.44
CA GLU B 272 8.66 -34.80 -2.58
C GLU B 272 9.49 -35.49 -1.51
N THR B 273 10.57 -36.14 -1.96
CA THR B 273 11.44 -36.83 -1.04
C THR B 273 12.14 -35.89 -0.07
N MET B 274 12.86 -34.90 -0.58
CA MET B 274 13.54 -33.98 0.33
C MET B 274 12.55 -33.38 1.31
N PHE B 275 11.33 -33.15 0.86
CA PHE B 275 10.32 -32.57 1.73
C PHE B 275 9.91 -33.49 2.87
N GLN B 276 9.68 -34.76 2.57
CA GLN B 276 9.29 -35.71 3.61
C GLN B 276 10.47 -35.99 4.53
N GLU B 277 11.67 -36.07 3.95
CA GLU B 277 12.85 -36.31 4.76
C GLU B 277 13.04 -35.12 5.70
N SER B 278 12.91 -33.91 5.16
CA SER B 278 13.07 -32.71 5.95
C SER B 278 12.01 -32.68 7.05
N SER B 279 10.76 -32.89 6.68
CA SER B 279 9.68 -32.90 7.65
C SER B 279 9.99 -33.85 8.81
N ILE B 280 10.20 -35.12 8.50
CA ILE B 280 10.49 -36.13 9.52
C ILE B 280 11.59 -35.74 10.51
N SER B 281 12.63 -35.07 10.03
CA SER B 281 13.70 -34.67 10.95
C SER B 281 13.23 -33.52 11.83
S2 P17 C . -11.68 30.24 22.91
C3 P17 C . -10.33 29.12 22.65
C8 P17 C . -9.10 29.61 22.14
C7 P17 C . -8.00 28.73 21.92
N9 P17 C . -6.83 29.29 21.40
C10 P17 C . -5.61 28.66 21.37
N15 P17 C . -5.49 27.38 21.81
C14 P17 C . -4.30 26.70 21.81
N19 P17 C . -4.23 25.39 22.27
C20 P17 C . -5.48 24.78 22.75
C18 P17 C . -3.08 24.71 22.29
O21 P17 C . -3.00 23.56 22.69
C17 P17 C . -1.81 25.35 21.80
C22 P17 C . -0.46 24.63 21.81
C27 P17 C . 0.43 24.73 22.94
CL1 P17 C . -1.06 23.71 19.20
C26 P17 C . 1.66 24.03 22.93
C25 P17 C . 2.03 23.24 21.80
C24 P17 C . 1.16 23.15 20.67
C23 P17 C . -0.07 23.85 20.66
CL2 P17 C . 0.01 25.67 24.36
C16 P17 C . -1.84 26.63 21.32
C13 P17 C . -3.15 27.37 21.32
C12 P17 C . -3.28 28.70 20.85
N11 P17 C . -4.51 29.32 20.89
C6 P17 C . -8.18 27.33 22.23
C5 P17 C . -9.41 26.83 22.75
C4 P17 C . -10.48 27.72 22.96
C1 P17 C . -12.96 29.46 21.88
O1 MES D . 27.68 -34.99 -2.38
C2 MES D . 27.90 -35.08 -0.92
C3 MES D . 28.96 -34.02 -0.47
N4 MES D . 29.45 -33.18 -1.70
C5 MES D . 29.95 -34.06 -2.89
C6 MES D . 28.86 -35.12 -3.26
C7 MES D . 30.51 -32.14 -1.31
C8 MES D . 30.23 -31.40 0.02
S MES D . 31.48 -30.22 0.43
O1S MES D . 30.86 -29.11 1.33
O2S MES D . 32.72 -30.91 1.28
O3S MES D . 32.11 -29.57 -0.88
O1 MES E . 9.11 -7.36 -14.03
C2 MES E . 10.02 -8.07 -13.11
C3 MES E . 11.19 -8.74 -13.89
N4 MES E . 11.06 -8.46 -15.42
C5 MES E . 9.65 -8.83 -16.00
C6 MES E . 8.53 -8.14 -15.16
C7 MES E . 12.18 -9.14 -16.22
C8 MES E . 13.54 -8.42 -16.07
S MES E . 14.84 -9.22 -17.01
O1S MES E . 16.21 -8.52 -16.70
O2S MES E . 15.00 -10.82 -16.59
O3S MES E . 14.55 -9.13 -18.56
S2 P17 F . -2.77 -8.60 -2.57
C3 P17 F . -2.61 -9.42 -4.13
C8 P17 F . -3.37 -10.59 -4.38
C7 P17 F . -3.28 -11.27 -5.60
N9 P17 F . -4.07 -12.40 -5.71
C10 P17 F . -4.46 -12.96 -6.89
N15 P17 F . -3.97 -12.47 -8.05
C14 P17 F . -4.30 -13.00 -9.25
N19 P17 F . -3.76 -12.49 -10.42
C20 P17 F . -2.83 -11.37 -10.30
C18 P17 F . -4.09 -12.99 -11.61
O21 P17 F . -3.62 -12.56 -12.67
C17 P17 F . -5.04 -14.15 -11.72
C22 P17 F . -5.44 -14.77 -13.04
C27 P17 F . -4.70 -15.84 -13.64
CL1 P17 F . -7.69 -13.05 -12.98
C26 P17 F . -5.13 -16.37 -14.88
C25 P17 F . -6.27 -15.83 -15.55
C24 P17 F . -7.01 -14.77 -14.97
C23 P17 F . -6.63 -14.25 -13.70
CL2 P17 F . -3.28 -16.53 -12.88
C16 P17 F . -5.59 -14.68 -10.60
C13 P17 F . -5.21 -14.09 -9.27
C12 P17 F . -5.72 -14.58 -8.05
N11 P17 F . -5.32 -14.00 -6.88
C6 P17 F . -2.39 -10.76 -6.61
C5 P17 F . -1.61 -9.57 -6.37
C4 P17 F . -1.74 -8.90 -5.12
C1 P17 F . -3.66 -9.87 -1.57
#